data_5A62
#
_entry.id   5A62
#
_cell.length_a   50.947
_cell.length_b   65.461
_cell.length_c   84.591
_cell.angle_alpha   90.00
_cell.angle_beta   104.17
_cell.angle_gamma   90.00
#
_symmetry.space_group_name_H-M   'I 1 2 1'
#
loop_
_entity.id
_entity.type
_entity.pdbx_description
1 polymer 'PUTATIVE ALPHA/BETA HYDROLASE FOLD PROTEIN'
2 non-polymer 'ACETATE ION'
3 water water
#
_entity_poly.entity_id   1
_entity_poly.type   'polypeptide(L)'
_entity_poly.pdbx_seq_one_letter_code
;MPFLSSPSNSVSTYYEDHGDARSYPLVLIHPIGGNILIWDYEIQLLLKSGFRVIAYELRGHHRTNMGKTGAYTMQDLIDD
LRRLLEHLNIGKCTIIGHSIGGIISSMYAAQHPGKVDAIIMINGSPKKFQEKDLEKHFRTREVAITQGMKALAEHKLVSL
DEARDLFADKRHADFFREVFTKTSVEGFVAATVALYTIPGNVVQGLRASGCKVFAIVGSDDDVFMRLIKETKEEIPEMEL
RVLQGSDHWVVIEKPKEMYDILMGFLAIVTKDVKPVG
;
_entity_poly.pdbx_strand_id   A
#
loop_
_chem_comp.id
_chem_comp.type
_chem_comp.name
_chem_comp.formula
ACT non-polymer 'ACETATE ION' 'C2 H3 O2 -1'
#
# COMPACT_ATOMS: atom_id res chain seq x y z
N PRO A 2 17.42 2.97 -7.72
CA PRO A 2 18.18 4.08 -7.23
C PRO A 2 17.79 4.43 -5.81
N PHE A 3 18.54 5.27 -5.14
CA PHE A 3 18.31 5.63 -3.71
C PHE A 3 18.10 7.10 -3.60
N LEU A 4 17.19 7.51 -2.73
CA LEU A 4 17.03 8.87 -2.29
C LEU A 4 17.34 8.93 -0.82
N SER A 5 18.45 9.50 -0.42
CA SER A 5 18.90 9.53 0.95
C SER A 5 18.70 10.85 1.58
N SER A 6 18.16 10.88 2.78
CA SER A 6 17.96 12.15 3.47
C SER A 6 19.13 12.44 4.39
N PRO A 7 19.71 13.64 4.32
CA PRO A 7 20.74 13.97 5.27
C PRO A 7 20.16 14.22 6.66
N SER A 8 18.93 14.54 6.78
CA SER A 8 18.38 14.88 8.11
C SER A 8 17.84 13.72 8.92
N ASN A 9 17.32 12.68 8.27
CA ASN A 9 16.82 11.53 9.03
C ASN A 9 17.52 10.22 8.63
N SER A 10 18.49 10.27 7.71
CA SER A 10 19.28 9.15 7.25
C SER A 10 18.50 8.00 6.62
N VAL A 11 17.24 8.20 6.33
CA VAL A 11 16.50 7.22 5.54
C VAL A 11 16.97 7.23 4.13
N SER A 12 17.32 6.10 3.60
CA SER A 12 17.69 5.97 2.17
C SER A 12 16.63 5.11 1.49
N THR A 13 15.73 5.76 0.78
CA THR A 13 14.64 5.12 0.11
C THR A 13 15.07 4.54 -1.18
N TYR A 14 14.88 3.26 -1.35
CA TYR A 14 15.02 2.62 -2.64
C TYR A 14 13.83 2.86 -3.47
N TYR A 15 14.01 3.29 -4.70
CA TYR A 15 12.95 3.49 -5.65
C TYR A 15 13.30 3.09 -7.03
N GLU A 16 12.29 2.93 -7.88
CA GLU A 16 12.46 2.74 -9.36
C GLU A 16 11.52 3.67 -10.03
N ASP A 17 11.98 4.21 -11.18
CA ASP A 17 11.25 5.16 -12.00
C ASP A 17 11.27 4.60 -13.40
N HIS A 18 10.22 3.95 -13.79
CA HIS A 18 10.13 3.25 -15.06
C HIS A 18 9.38 4.06 -16.08
N GLY A 19 9.76 3.86 -17.37
CA GLY A 19 9.01 4.51 -18.41
C GLY A 19 9.57 5.88 -18.76
N ASP A 20 8.91 6.54 -19.69
CA ASP A 20 9.34 7.84 -20.14
C ASP A 20 8.98 8.93 -19.19
N ALA A 21 9.90 9.84 -18.93
CA ALA A 21 9.66 10.95 -18.05
C ALA A 21 8.53 11.89 -18.45
N ARG A 22 8.14 11.88 -19.73
CA ARG A 22 7.00 12.68 -20.18
C ARG A 22 5.65 11.99 -20.03
N SER A 23 5.64 10.70 -19.66
CA SER A 23 4.38 10.02 -19.56
C SER A 23 3.71 10.29 -18.22
N TYR A 24 2.41 10.04 -18.19
CA TYR A 24 1.60 10.26 -16.97
C TYR A 24 2.09 9.32 -15.85
N PRO A 25 2.41 9.95 -14.69
CA PRO A 25 3.02 9.16 -13.59
C PRO A 25 2.04 8.50 -12.62
N LEU A 26 2.30 7.23 -12.41
CA LEU A 26 1.60 6.42 -11.43
C LEU A 26 2.61 6.01 -10.38
N VAL A 27 2.19 6.10 -9.11
CA VAL A 27 3.02 5.75 -7.98
C VAL A 27 2.44 4.56 -7.28
N LEU A 28 3.23 3.53 -7.12
CA LEU A 28 2.81 2.26 -6.52
C LEU A 28 3.35 2.18 -5.11
N ILE A 29 2.47 1.91 -4.14
CA ILE A 29 2.86 1.83 -2.72
C ILE A 29 2.44 0.50 -2.14
N HIS A 30 3.41 -0.31 -1.77
CA HIS A 30 3.23 -1.67 -1.28
C HIS A 30 2.69 -1.72 0.17
N PRO A 31 2.25 -2.91 0.62
CA PRO A 31 1.71 -3.09 1.96
C PRO A 31 2.81 -3.38 2.96
N ILE A 32 2.44 -3.41 4.24
CA ILE A 32 3.37 -3.91 5.23
C ILE A 32 3.82 -5.31 4.85
N GLY A 33 5.11 -5.57 4.86
CA GLY A 33 5.68 -6.84 4.49
C GLY A 33 5.87 -6.97 3.00
N GLY A 34 5.51 -5.95 2.24
CA GLY A 34 5.72 -5.96 0.78
C GLY A 34 6.95 -5.17 0.42
N ASN A 35 7.16 -5.04 -0.89
CA ASN A 35 8.27 -4.33 -1.47
C ASN A 35 8.01 -4.31 -2.96
N ILE A 36 8.97 -3.78 -3.74
CA ILE A 36 8.70 -3.58 -5.17
C ILE A 36 8.55 -4.91 -5.88
N LEU A 37 9.05 -5.99 -5.30
CA LEU A 37 8.84 -7.32 -5.93
C LEU A 37 7.39 -7.69 -6.04
N ILE A 38 6.50 -7.14 -5.22
CA ILE A 38 5.10 -7.50 -5.25
C ILE A 38 4.44 -6.91 -6.49
N TRP A 39 5.09 -5.95 -7.16
CA TRP A 39 4.49 -5.14 -8.24
C TRP A 39 5.01 -5.53 -9.61
N ASP A 40 5.68 -6.65 -9.73
CA ASP A 40 6.32 -6.94 -11.03
CA ASP A 40 6.32 -6.98 -11.00
C ASP A 40 5.38 -6.93 -12.20
N TYR A 41 4.28 -7.64 -12.05
CA TYR A 41 3.30 -7.68 -13.08
C TYR A 41 2.72 -6.32 -13.40
N GLU A 42 2.38 -5.60 -12.36
CA GLU A 42 1.76 -4.32 -12.53
C GLU A 42 2.69 -3.32 -13.22
N ILE A 43 3.97 -3.32 -12.90
CA ILE A 43 4.90 -2.40 -13.55
C ILE A 43 4.90 -2.69 -15.06
N GLN A 44 4.99 -3.95 -15.42
CA GLN A 44 4.96 -4.32 -16.86
C GLN A 44 3.66 -3.94 -17.49
N LEU A 45 2.54 -4.20 -16.86
CA LEU A 45 1.24 -3.89 -17.45
C LEU A 45 1.08 -2.39 -17.65
N LEU A 46 1.53 -1.58 -16.68
CA LEU A 46 1.28 -0.19 -16.70
C LEU A 46 2.21 0.47 -17.68
N LEU A 47 3.42 -0.02 -17.78
CA LEU A 47 4.34 0.49 -18.83
C LEU A 47 3.80 0.21 -20.21
N LYS A 48 3.25 -0.98 -20.43
CA LYS A 48 2.68 -1.32 -21.76
C LYS A 48 1.46 -0.44 -22.08
N SER A 49 0.77 0.05 -21.05
CA SER A 49 -0.29 0.96 -21.24
C SER A 49 0.14 2.43 -21.36
N GLY A 50 1.44 2.72 -21.43
CA GLY A 50 1.95 4.06 -21.64
C GLY A 50 2.20 4.99 -20.44
N PHE A 51 2.08 4.47 -19.23
CA PHE A 51 2.40 5.25 -18.05
C PHE A 51 3.86 5.23 -17.64
N ARG A 52 4.23 6.27 -16.88
CA ARG A 52 5.48 6.30 -16.16
C ARG A 52 5.11 5.66 -14.79
N VAL A 53 5.92 4.77 -14.33
CA VAL A 53 5.63 3.97 -13.10
C VAL A 53 6.73 4.16 -12.08
N ILE A 54 6.38 4.76 -10.95
CA ILE A 54 7.28 4.97 -9.85
C ILE A 54 6.92 4.02 -8.73
N ALA A 55 7.86 3.27 -8.22
CA ALA A 55 7.59 2.40 -7.07
C ALA A 55 8.70 2.58 -6.08
N TYR A 56 8.43 2.43 -4.80
CA TYR A 56 9.40 2.61 -3.77
C TYR A 56 9.20 1.67 -2.62
N GLU A 57 10.22 1.49 -1.81
CA GLU A 57 10.17 0.64 -0.67
C GLU A 57 10.10 1.48 0.58
N LEU A 58 9.10 1.17 1.41
CA LEU A 58 8.90 1.77 2.72
C LEU A 58 10.05 1.54 3.66
N ARG A 59 10.15 2.37 4.70
CA ARG A 59 11.19 2.23 5.74
C ARG A 59 11.29 0.81 6.19
N GLY A 60 12.48 0.28 6.18
CA GLY A 60 12.73 -1.03 6.75
C GLY A 60 12.25 -2.21 5.93
N HIS A 61 11.80 -1.97 4.70
CA HIS A 61 11.32 -2.99 3.81
C HIS A 61 12.33 -3.15 2.66
N HIS A 62 12.88 -4.36 2.54
CA HIS A 62 13.80 -4.79 1.45
C HIS A 62 14.97 -3.83 1.43
N ARG A 63 15.09 -3.02 0.40
CA ARG A 63 16.29 -2.18 0.19
C ARG A 63 16.28 -0.89 0.91
N THR A 64 15.19 -0.47 1.52
CA THR A 64 15.12 0.74 2.33
C THR A 64 15.42 0.47 3.79
N ASN A 65 16.27 1.25 4.36
CA ASN A 65 16.67 1.22 5.74
C ASN A 65 15.72 1.93 6.67
N MET A 66 16.07 2.12 7.95
CA MET A 66 15.29 2.85 8.89
C MET A 66 15.77 4.26 9.19
N GLY A 67 17.01 4.57 8.93
CA GLY A 67 17.54 5.88 9.33
C GLY A 67 17.95 5.91 10.77
N LYS A 68 17.92 7.10 11.32
CA LYS A 68 18.39 7.45 12.64
C LYS A 68 17.55 6.82 13.70
N THR A 69 16.29 6.56 13.42
CA THR A 69 15.34 6.06 14.42
C THR A 69 14.76 4.76 13.96
N GLY A 70 14.05 4.07 14.82
CA GLY A 70 13.40 2.86 14.49
C GLY A 70 11.89 2.84 14.71
N ALA A 71 11.34 4.01 14.91
CA ALA A 71 9.90 4.24 15.11
C ALA A 71 9.54 5.48 14.39
N TYR A 72 8.28 5.57 14.00
CA TYR A 72 7.82 6.76 13.27
C TYR A 72 6.33 6.80 13.27
N THR A 73 5.76 7.88 12.82
CA THR A 73 4.31 8.03 12.66
C THR A 73 3.97 7.95 11.20
N MET A 74 2.70 7.79 10.90
CA MET A 74 2.28 7.86 9.52
C MET A 74 2.72 9.13 8.84
N GLN A 75 2.69 10.25 9.54
CA GLN A 75 3.18 11.48 8.93
C GLN A 75 4.55 11.40 8.39
N ASP A 76 5.43 10.66 9.07
CA ASP A 76 6.77 10.46 8.59
C ASP A 76 6.79 9.73 7.26
N LEU A 77 5.95 8.74 7.10
CA LEU A 77 5.84 8.04 5.81
C LEU A 77 5.30 8.98 4.71
N ILE A 78 4.41 9.86 5.06
CA ILE A 78 3.90 10.81 4.06
C ILE A 78 5.01 11.72 3.65
N ASP A 79 5.79 12.18 4.61
CA ASP A 79 6.93 13.05 4.31
C ASP A 79 7.96 12.31 3.45
N ASP A 80 8.19 11.04 3.67
CA ASP A 80 9.11 10.28 2.80
C ASP A 80 8.62 10.30 1.41
N LEU A 81 7.33 10.09 1.20
CA LEU A 81 6.74 10.10 -0.17
C LEU A 81 6.82 11.49 -0.77
N ARG A 82 6.52 12.51 0.01
CA ARG A 82 6.65 13.86 -0.49
C ARG A 82 8.03 14.15 -0.98
N ARG A 83 9.02 13.73 -0.25
CA ARG A 83 10.42 13.97 -0.65
C ARG A 83 10.71 13.23 -1.91
N LEU A 84 10.23 12.00 -2.06
CA LEU A 84 10.50 11.25 -3.29
C LEU A 84 9.85 11.92 -4.51
N LEU A 85 8.60 12.37 -4.40
CA LEU A 85 7.92 12.92 -5.55
C LEU A 85 8.51 14.28 -5.86
N GLU A 86 8.96 15.05 -4.89
CA GLU A 86 9.73 16.27 -5.16
C GLU A 86 11.02 15.94 -5.89
N HIS A 87 11.72 14.91 -5.51
CA HIS A 87 13.02 14.51 -6.10
C HIS A 87 12.84 14.17 -7.52
N LEU A 88 11.73 13.57 -7.90
CA LEU A 88 11.48 13.11 -9.24
C LEU A 88 10.75 14.16 -10.05
N ASN A 89 10.47 15.31 -9.45
CA ASN A 89 9.78 16.41 -10.10
C ASN A 89 8.45 15.99 -10.66
N ILE A 90 7.73 15.24 -9.83
CA ILE A 90 6.33 14.83 -10.16
C ILE A 90 5.37 15.93 -9.67
N GLY A 91 4.71 16.63 -10.58
CA GLY A 91 3.66 17.63 -10.22
C GLY A 91 2.25 17.11 -9.95
N LYS A 92 1.76 16.20 -10.81
CA LYS A 92 0.38 15.62 -10.69
C LYS A 92 0.42 14.17 -11.09
N CYS A 93 -0.14 13.30 -10.25
CA CYS A 93 0.03 11.88 -10.43
C CYS A 93 -1.21 11.16 -9.94
N THR A 94 -1.27 9.87 -10.15
CA THR A 94 -2.23 9.01 -9.53
C THR A 94 -1.45 8.04 -8.65
N ILE A 95 -1.94 7.74 -7.45
CA ILE A 95 -1.26 6.82 -6.52
C ILE A 95 -2.13 5.58 -6.34
N ILE A 96 -1.48 4.46 -6.48
CA ILE A 96 -2.06 3.12 -6.33
C ILE A 96 -1.41 2.53 -5.06
N GLY A 97 -2.23 2.36 -4.01
CA GLY A 97 -1.66 1.87 -2.77
C GLY A 97 -2.37 0.69 -2.21
N HIS A 98 -1.64 -0.33 -1.76
CA HIS A 98 -2.20 -1.56 -1.21
C HIS A 98 -1.98 -1.50 0.28
N SER A 99 -3.09 -1.71 1.01
CA SER A 99 -3.11 -1.79 2.48
CA SER A 99 -3.16 -1.72 2.47
C SER A 99 -2.54 -0.50 3.07
N ILE A 100 -1.44 -0.53 3.80
CA ILE A 100 -0.85 0.71 4.28
C ILE A 100 -0.57 1.70 3.18
N GLY A 101 -0.25 1.18 2.02
CA GLY A 101 -0.05 2.06 0.82
C GLY A 101 -1.26 2.86 0.51
N GLY A 102 -2.43 2.32 0.73
CA GLY A 102 -3.74 2.98 0.56
C GLY A 102 -3.95 4.08 1.57
N ILE A 103 -3.59 3.82 2.83
N ILE A 103 -3.56 3.82 2.82
CA ILE A 103 -3.64 4.79 3.84
CA ILE A 103 -3.65 4.78 3.84
C ILE A 103 -2.70 5.99 3.53
C ILE A 103 -2.70 5.97 3.58
N ILE A 104 -1.46 5.65 3.17
CA ILE A 104 -0.50 6.65 2.80
C ILE A 104 -1.06 7.52 1.64
N SER A 105 -1.63 6.87 0.61
CA SER A 105 -2.14 7.62 -0.53
C SER A 105 -3.20 8.59 -0.09
N SER A 106 -4.07 8.16 0.85
CA SER A 106 -5.12 9.02 1.29
CA SER A 106 -5.14 9.06 1.36
C SER A 106 -4.63 10.24 2.07
N MET A 107 -3.62 10.06 2.92
CA MET A 107 -3.07 11.16 3.66
C MET A 107 -2.26 12.09 2.77
N TYR A 108 -1.58 11.59 1.76
CA TYR A 108 -0.87 12.40 0.85
C TYR A 108 -1.84 13.28 0.07
N ALA A 109 -2.88 12.68 -0.46
CA ALA A 109 -3.92 13.45 -1.19
C ALA A 109 -4.53 14.51 -0.32
N ALA A 110 -4.77 14.20 0.94
CA ALA A 110 -5.38 15.15 1.84
C ALA A 110 -4.48 16.32 2.07
N GLN A 111 -3.20 16.04 2.19
CA GLN A 111 -2.22 17.07 2.54
C GLN A 111 -1.68 17.84 1.35
N HIS A 112 -1.78 17.29 0.17
CA HIS A 112 -1.26 17.82 -1.05
C HIS A 112 -2.28 17.69 -2.19
N PRO A 113 -3.43 18.35 -2.03
CA PRO A 113 -4.49 18.11 -3.02
C PRO A 113 -4.13 18.54 -4.45
N GLY A 114 -3.23 19.51 -4.55
CA GLY A 114 -2.81 20.04 -5.87
C GLY A 114 -1.89 19.13 -6.65
N LYS A 115 -1.47 18.07 -5.99
CA LYS A 115 -0.42 17.19 -6.45
C LYS A 115 -0.98 15.85 -6.93
N VAL A 116 -2.28 15.61 -6.76
CA VAL A 116 -2.83 14.28 -7.01
CA VAL A 116 -2.85 14.28 -7.00
C VAL A 116 -4.12 14.39 -7.80
N ASP A 117 -4.19 13.68 -8.88
CA ASP A 117 -5.44 13.56 -9.61
C ASP A 117 -6.39 12.56 -8.98
N ALA A 118 -5.84 11.45 -8.49
CA ALA A 118 -6.63 10.32 -8.05
C ALA A 118 -5.78 9.43 -7.20
N ILE A 119 -6.47 8.75 -6.32
CA ILE A 119 -5.89 7.63 -5.59
C ILE A 119 -6.76 6.40 -5.80
N ILE A 120 -6.07 5.24 -5.79
CA ILE A 120 -6.66 3.92 -5.96
C ILE A 120 -6.18 3.10 -4.82
N MET A 121 -7.04 2.80 -3.87
CA MET A 121 -6.69 2.08 -2.64
C MET A 121 -7.11 0.63 -2.78
N ILE A 122 -6.20 -0.32 -2.69
CA ILE A 122 -6.46 -1.73 -2.83
C ILE A 122 -6.37 -2.29 -1.41
N ASN A 123 -7.49 -2.76 -0.83
CA ASN A 123 -7.60 -3.15 0.56
C ASN A 123 -6.89 -2.15 1.46
N GLY A 124 -7.28 -0.93 1.30
CA GLY A 124 -6.86 0.18 2.12
C GLY A 124 -7.96 1.16 2.33
N SER A 125 -7.80 2.05 3.28
CA SER A 125 -8.76 3.11 3.46
C SER A 125 -8.13 4.28 4.16
N PRO A 126 -8.82 5.41 4.25
CA PRO A 126 -8.36 6.56 5.00
C PRO A 126 -8.69 6.49 6.50
N LYS A 127 -9.37 5.45 6.96
CA LYS A 127 -9.83 5.42 8.33
C LYS A 127 -8.78 4.90 9.30
N LYS A 128 -8.89 5.38 10.52
CA LYS A 128 -8.22 4.76 11.63
C LYS A 128 -8.79 3.41 11.89
N PHE A 129 -7.98 2.52 12.42
CA PHE A 129 -8.44 1.20 12.82
C PHE A 129 -9.11 1.26 14.18
N GLN A 130 -10.03 0.34 14.39
CA GLN A 130 -10.43 0.03 15.74
C GLN A 130 -9.32 -0.78 16.41
N GLU A 131 -9.21 -0.68 17.74
CA GLU A 131 -8.22 -1.48 18.45
C GLU A 131 -8.32 -2.95 18.12
N LYS A 132 -9.55 -3.50 18.05
CA LYS A 132 -9.69 -4.87 17.78
C LYS A 132 -9.07 -5.28 16.43
N ASP A 133 -9.06 -4.35 15.49
CA ASP A 133 -8.48 -4.63 14.14
C ASP A 133 -6.98 -4.85 14.20
N LEU A 134 -6.33 -4.26 15.19
CA LEU A 134 -4.88 -4.33 15.30
C LEU A 134 -4.39 -5.35 16.34
N GLU A 135 -5.33 -6.03 17.02
CA GLU A 135 -4.93 -6.99 18.05
C GLU A 135 -4.05 -8.09 17.53
N LYS A 136 -4.27 -8.51 16.30
CA LYS A 136 -3.48 -9.59 15.72
C LYS A 136 -2.02 -9.26 15.61
N HIS A 137 -1.68 -8.00 15.49
CA HIS A 137 -0.28 -7.66 15.29
C HIS A 137 0.57 -7.78 16.52
N PHE A 138 -0.02 -7.92 17.72
CA PHE A 138 0.79 -8.23 18.86
C PHE A 138 1.50 -9.57 18.70
N ARG A 139 0.78 -10.53 18.21
CA ARG A 139 1.37 -11.85 18.07
CA ARG A 139 1.28 -11.87 18.01
C ARG A 139 2.29 -11.94 16.85
N THR A 140 2.00 -11.21 15.76
CA THR A 140 2.92 -11.24 14.64
C THR A 140 4.22 -10.49 15.01
N ARG A 141 4.14 -9.38 15.75
CA ARG A 141 5.35 -8.73 16.23
C ARG A 141 6.20 -9.69 17.08
N GLU A 142 5.51 -10.43 17.95
CA GLU A 142 6.23 -11.32 18.88
C GLU A 142 6.94 -12.42 18.09
N VAL A 143 6.26 -12.98 17.10
CA VAL A 143 6.96 -13.97 16.27
C VAL A 143 8.14 -13.34 15.51
N ALA A 144 7.95 -12.19 14.91
CA ALA A 144 9.02 -11.54 14.16
C ALA A 144 10.25 -11.33 15.05
N ILE A 145 10.02 -10.85 16.26
CA ILE A 145 11.11 -10.53 17.17
C ILE A 145 11.81 -11.80 17.72
N THR A 146 11.00 -12.75 18.09
CA THR A 146 11.55 -13.93 18.78
CA THR A 146 11.57 -13.93 18.79
C THR A 146 12.10 -14.96 17.79
N GLN A 147 11.44 -15.12 16.64
CA GLN A 147 11.69 -16.22 15.69
C GLN A 147 12.17 -15.75 14.33
N GLY A 148 11.91 -14.49 13.97
CA GLY A 148 12.29 -13.94 12.74
C GLY A 148 11.24 -13.98 11.64
N MET A 149 11.55 -13.29 10.55
CA MET A 149 10.64 -13.09 9.47
C MET A 149 10.34 -14.32 8.62
N LYS A 150 11.34 -15.19 8.45
CA LYS A 150 11.05 -16.41 7.70
C LYS A 150 10.05 -17.27 8.49
N ALA A 151 10.24 -17.35 9.82
CA ALA A 151 9.27 -18.05 10.66
C ALA A 151 7.93 -17.40 10.65
N LEU A 152 7.91 -16.08 10.69
CA LEU A 152 6.65 -15.41 10.65
C LEU A 152 5.91 -15.73 9.33
N ALA A 153 6.59 -15.70 8.22
CA ALA A 153 5.92 -16.04 6.99
C ALA A 153 5.32 -17.45 7.04
N GLU A 154 6.10 -18.39 7.57
CA GLU A 154 5.56 -19.74 7.66
C GLU A 154 4.34 -19.85 8.50
N HIS A 155 4.31 -19.08 9.60
CA HIS A 155 3.09 -19.06 10.42
C HIS A 155 1.92 -18.40 9.76
N LYS A 156 2.16 -17.37 8.97
CA LYS A 156 1.09 -16.70 8.21
C LYS A 156 0.51 -17.62 7.12
N LEU A 157 1.36 -18.45 6.59
CA LEU A 157 0.97 -19.26 5.45
C LEU A 157 0.16 -20.48 5.85
N VAL A 158 0.28 -20.99 7.07
CA VAL A 158 -0.51 -22.16 7.50
C VAL A 158 -1.57 -21.82 8.54
N SER A 159 -2.79 -22.33 8.40
CA SER A 159 -3.87 -22.03 9.36
C SER A 159 -4.44 -23.40 9.77
N LEU A 160 -3.93 -23.89 10.89
CA LEU A 160 -4.35 -25.16 11.42
C LEU A 160 -5.80 -25.03 11.82
N ASP A 161 -6.07 -23.92 12.51
CA ASP A 161 -7.38 -23.46 12.96
C ASP A 161 -8.43 -23.26 11.86
N GLU A 162 -8.00 -22.84 10.66
CA GLU A 162 -8.94 -22.36 9.64
C GLU A 162 -9.19 -23.45 8.62
N ALA A 163 -10.33 -23.35 7.94
CA ALA A 163 -10.70 -24.30 6.91
C ALA A 163 -9.70 -24.26 5.77
N ARG A 164 -8.94 -23.17 5.68
CA ARG A 164 -7.91 -23.10 4.65
C ARG A 164 -6.69 -22.25 5.01
N ASP A 165 -5.67 -22.46 4.20
CA ASP A 165 -4.42 -21.73 4.34
C ASP A 165 -4.63 -20.38 3.74
N LEU A 166 -3.68 -19.50 3.99
CA LEU A 166 -3.74 -18.17 3.43
C LEU A 166 -3.88 -18.18 1.87
N PHE A 167 -3.14 -19.03 1.17
CA PHE A 167 -3.26 -19.16 -0.28
C PHE A 167 -3.53 -20.60 -0.58
N ALA A 168 -4.41 -20.81 -1.52
CA ALA A 168 -4.72 -22.17 -1.97
C ALA A 168 -3.63 -22.80 -2.86
N ASP A 169 -2.93 -21.96 -3.62
CA ASP A 169 -1.95 -22.31 -4.64
C ASP A 169 -0.54 -22.09 -4.04
N LYS A 170 0.28 -23.14 -3.96
CA LYS A 170 1.68 -23.08 -3.51
C LYS A 170 2.41 -22.03 -4.26
N ARG A 171 2.10 -21.79 -5.54
CA ARG A 171 2.85 -20.78 -6.27
C ARG A 171 2.63 -19.39 -5.65
N HIS A 172 1.43 -19.15 -5.18
CA HIS A 172 1.13 -17.85 -4.53
C HIS A 172 1.79 -17.81 -3.16
N ALA A 173 1.71 -18.87 -2.40
CA ALA A 173 2.46 -18.96 -1.17
C ALA A 173 3.94 -18.65 -1.31
N ASP A 174 4.53 -19.21 -2.37
CA ASP A 174 5.91 -19.04 -2.53
C ASP A 174 6.27 -17.63 -2.98
N PHE A 175 5.44 -17.00 -3.77
CA PHE A 175 5.59 -15.59 -4.11
C PHE A 175 5.50 -14.70 -2.84
N PHE A 176 4.51 -14.98 -2.00
CA PHE A 176 4.43 -14.31 -0.74
C PHE A 176 5.68 -14.48 0.10
N ARG A 177 6.21 -15.70 0.21
CA ARG A 177 7.45 -15.93 0.95
CA ARG A 177 7.41 -15.89 1.01
C ARG A 177 8.58 -15.08 0.46
N GLU A 178 8.77 -15.11 -0.86
N GLU A 178 8.77 -15.09 -0.85
CA GLU A 178 9.81 -14.32 -1.52
CA GLU A 178 9.83 -14.32 -1.54
C GLU A 178 9.75 -12.89 -1.03
C GLU A 178 9.75 -12.79 -1.35
N VAL A 179 8.55 -12.32 -1.19
CA VAL A 179 8.35 -10.89 -0.97
C VAL A 179 8.51 -10.59 0.55
N PHE A 180 7.73 -11.30 1.36
CA PHE A 180 7.61 -10.97 2.79
C PHE A 180 8.94 -11.06 3.50
N THR A 181 9.74 -12.07 3.17
CA THR A 181 10.95 -12.33 3.91
C THR A 181 12.09 -11.35 3.57
N LYS A 182 11.85 -10.38 2.68
CA LYS A 182 12.77 -9.27 2.51
C LYS A 182 12.52 -8.14 3.55
N THR A 183 11.49 -8.28 4.36
CA THR A 183 11.18 -7.23 5.29
C THR A 183 12.08 -7.41 6.51
N SER A 184 12.69 -6.36 7.00
CA SER A 184 13.39 -6.43 8.24
C SER A 184 12.46 -6.57 9.42
N VAL A 185 12.94 -7.18 10.48
CA VAL A 185 12.16 -7.25 11.72
C VAL A 185 11.85 -5.85 12.21
N GLU A 186 12.83 -4.96 12.22
CA GLU A 186 12.61 -3.59 12.77
C GLU A 186 11.64 -2.90 11.88
N GLY A 187 11.64 -3.11 10.58
CA GLY A 187 10.71 -2.48 9.70
C GLY A 187 9.31 -3.00 9.86
N PHE A 188 9.10 -4.30 10.01
CA PHE A 188 7.80 -4.84 10.24
C PHE A 188 7.21 -4.28 11.53
N VAL A 189 8.00 -4.36 12.62
CA VAL A 189 7.56 -3.87 13.90
C VAL A 189 7.16 -2.42 13.81
N ALA A 190 8.00 -1.56 13.26
CA ALA A 190 7.72 -0.16 13.21
C ALA A 190 6.49 0.13 12.38
N ALA A 191 6.27 -0.54 11.29
CA ALA A 191 5.14 -0.25 10.42
C ALA A 191 3.84 -0.58 11.12
N THR A 192 3.84 -1.75 11.76
CA THR A 192 2.64 -2.14 12.46
C THR A 192 2.30 -1.17 13.63
N VAL A 193 3.33 -0.74 14.35
CA VAL A 193 3.13 0.25 15.41
C VAL A 193 2.56 1.57 14.80
N ALA A 194 3.11 1.97 13.65
CA ALA A 194 2.69 3.21 13.01
C ALA A 194 1.22 3.24 12.72
N LEU A 195 0.62 2.08 12.54
CA LEU A 195 -0.83 2.07 12.25
C LEU A 195 -1.62 2.75 13.34
N TYR A 196 -1.16 2.73 14.56
CA TYR A 196 -1.87 3.45 15.66
C TYR A 196 -1.85 4.95 15.55
N THR A 197 -0.98 5.47 14.67
CA THR A 197 -0.75 6.91 14.56
C THR A 197 -1.51 7.52 13.41
N ILE A 198 -2.40 6.76 12.75
CA ILE A 198 -3.23 7.34 11.66
C ILE A 198 -4.17 8.38 12.30
N PRO A 199 -4.24 9.56 11.78
CA PRO A 199 -5.13 10.60 12.38
C PRO A 199 -6.57 10.22 12.15
N GLY A 200 -7.44 10.70 13.04
CA GLY A 200 -8.87 10.40 12.89
C GLY A 200 -9.60 11.23 11.86
N ASN A 201 -8.97 12.21 11.29
CA ASN A 201 -9.63 13.13 10.33
C ASN A 201 -9.19 12.97 8.87
N VAL A 202 -8.57 11.83 8.49
CA VAL A 202 -8.12 11.68 7.13
C VAL A 202 -9.33 11.62 6.17
N VAL A 203 -10.41 10.99 6.56
CA VAL A 203 -11.56 10.92 5.68
C VAL A 203 -11.99 12.34 5.35
N GLN A 204 -12.09 13.23 6.32
CA GLN A 204 -12.47 14.60 6.04
C GLN A 204 -11.49 15.25 5.10
N GLY A 205 -10.20 15.11 5.35
CA GLY A 205 -9.22 15.68 4.46
C GLY A 205 -9.21 15.16 3.07
N LEU A 206 -9.40 13.88 2.94
CA LEU A 206 -9.50 13.27 1.60
C LEU A 206 -10.75 13.78 0.86
N ARG A 207 -11.88 13.83 1.55
CA ARG A 207 -13.10 14.41 0.94
C ARG A 207 -12.80 15.83 0.55
N ALA A 208 -12.12 16.58 1.38
CA ALA A 208 -11.80 18.02 1.08
C ALA A 208 -10.95 18.22 -0.13
N SER A 209 -10.05 17.27 -0.43
CA SER A 209 -9.08 17.41 -1.49
C SER A 209 -9.67 17.54 -2.86
N GLY A 210 -10.81 16.92 -3.06
CA GLY A 210 -11.46 16.78 -4.36
C GLY A 210 -10.78 15.86 -5.31
N CYS A 211 -9.76 15.12 -4.86
CA CYS A 211 -9.18 14.18 -5.79
CA CYS A 211 -9.12 14.13 -5.70
CA CYS A 211 -9.10 14.05 -5.56
C CYS A 211 -10.16 13.03 -6.00
N LYS A 212 -10.02 12.38 -7.11
CA LYS A 212 -10.83 11.20 -7.44
C LYS A 212 -10.40 10.06 -6.53
N VAL A 213 -11.33 9.43 -5.84
CA VAL A 213 -11.04 8.38 -4.89
C VAL A 213 -11.64 7.10 -5.44
N PHE A 214 -10.82 6.10 -5.58
CA PHE A 214 -11.21 4.80 -6.01
C PHE A 214 -10.74 3.77 -4.98
N ALA A 215 -11.46 2.69 -4.83
CA ALA A 215 -11.08 1.61 -3.93
C ALA A 215 -11.46 0.26 -4.56
N ILE A 216 -10.57 -0.68 -4.45
CA ILE A 216 -10.77 -2.10 -4.79
C ILE A 216 -10.57 -2.91 -3.52
N VAL A 217 -11.58 -3.67 -3.07
CA VAL A 217 -11.50 -4.39 -1.83
C VAL A 217 -11.89 -5.83 -2.05
N GLY A 218 -11.18 -6.75 -1.43
CA GLY A 218 -11.53 -8.17 -1.47
C GLY A 218 -12.69 -8.42 -0.52
N SER A 219 -13.71 -9.15 -0.99
CA SER A 219 -14.92 -9.38 -0.18
C SER A 219 -14.59 -10.15 1.07
N ASP A 220 -13.54 -10.93 1.11
CA ASP A 220 -13.15 -11.67 2.30
C ASP A 220 -12.27 -10.92 3.28
N ASP A 221 -11.87 -9.68 2.96
CA ASP A 221 -11.03 -8.87 3.85
C ASP A 221 -11.98 -8.14 4.79
N ASP A 222 -12.31 -8.75 5.92
CA ASP A 222 -13.39 -8.23 6.70
C ASP A 222 -13.05 -6.83 7.21
N VAL A 223 -11.82 -6.59 7.65
CA VAL A 223 -11.47 -5.31 8.19
C VAL A 223 -11.61 -4.23 7.14
N PHE A 224 -10.98 -4.43 5.99
CA PHE A 224 -11.08 -3.37 4.96
C PHE A 224 -12.40 -3.26 4.32
N MET A 225 -13.20 -4.34 4.24
CA MET A 225 -14.60 -4.20 3.80
C MET A 225 -15.35 -3.28 4.68
N ARG A 226 -15.17 -3.46 5.99
CA ARG A 226 -15.90 -2.66 6.94
C ARG A 226 -15.44 -1.18 6.84
N LEU A 227 -14.13 -0.93 6.84
CA LEU A 227 -13.64 0.41 6.75
C LEU A 227 -13.97 1.11 5.45
N ILE A 228 -13.92 0.42 4.33
CA ILE A 228 -14.22 1.06 3.08
C ILE A 228 -15.67 1.31 2.94
N LYS A 229 -16.52 0.46 3.47
CA LYS A 229 -17.94 0.74 3.48
C LYS A 229 -18.28 1.95 4.31
N GLU A 230 -17.59 2.11 5.45
CA GLU A 230 -17.75 3.28 6.25
C GLU A 230 -17.24 4.50 5.49
N THR A 231 -16.14 4.37 4.77
CA THR A 231 -15.59 5.44 4.00
C THR A 231 -16.54 5.88 2.89
N LYS A 232 -17.17 4.91 2.24
CA LYS A 232 -18.11 5.25 1.16
C LYS A 232 -19.30 6.00 1.70
N GLU A 233 -19.73 5.72 2.93
CA GLU A 233 -20.82 6.47 3.54
C GLU A 233 -20.48 7.92 3.64
N GLU A 234 -19.20 8.22 3.91
CA GLU A 234 -18.69 9.55 4.21
C GLU A 234 -18.15 10.29 3.00
N ILE A 235 -17.78 9.53 1.99
CA ILE A 235 -17.24 10.07 0.72
C ILE A 235 -18.06 9.44 -0.40
N PRO A 236 -19.31 9.95 -0.57
CA PRO A 236 -20.17 9.28 -1.55
C PRO A 236 -19.71 9.39 -2.97
N GLU A 237 -18.83 10.35 -3.26
CA GLU A 237 -18.29 10.44 -4.61
C GLU A 237 -17.19 9.40 -4.90
N MET A 238 -16.71 8.63 -3.91
CA MET A 238 -15.70 7.67 -4.26
CA MET A 238 -15.72 7.55 -4.11
C MET A 238 -16.30 6.48 -5.01
N GLU A 239 -15.48 5.85 -5.77
CA GLU A 239 -15.88 4.69 -6.53
C GLU A 239 -15.31 3.43 -5.87
N LEU A 240 -16.17 2.51 -5.41
CA LEU A 240 -15.76 1.32 -4.76
C LEU A 240 -16.11 0.13 -5.57
N ARG A 241 -15.24 -0.83 -5.70
CA ARG A 241 -15.52 -2.08 -6.39
C ARG A 241 -15.03 -3.18 -5.52
N VAL A 242 -15.84 -4.20 -5.36
CA VAL A 242 -15.51 -5.35 -4.55
C VAL A 242 -15.14 -6.56 -5.40
N LEU A 243 -14.07 -7.23 -5.06
CA LEU A 243 -13.64 -8.49 -5.70
C LEU A 243 -14.18 -9.61 -4.87
N GLN A 244 -15.17 -10.32 -5.45
CA GLN A 244 -15.79 -11.43 -4.74
C GLN A 244 -14.85 -12.58 -4.62
N GLY A 245 -14.63 -13.00 -3.42
CA GLY A 245 -13.75 -14.10 -3.13
C GLY A 245 -12.28 -13.85 -2.99
N SER A 246 -11.88 -12.57 -3.04
CA SER A 246 -10.52 -12.19 -2.76
C SER A 246 -10.40 -11.66 -1.33
N ASP A 247 -9.19 -11.69 -0.81
CA ASP A 247 -8.90 -11.27 0.55
C ASP A 247 -7.75 -10.25 0.55
N HIS A 248 -7.14 -10.02 1.71
CA HIS A 248 -6.19 -8.96 1.90
C HIS A 248 -5.04 -9.01 0.93
N TRP A 249 -4.48 -10.20 0.72
CA TRP A 249 -3.31 -10.36 -0.11
C TRP A 249 -3.61 -10.57 -1.60
N VAL A 250 -4.60 -9.84 -2.09
CA VAL A 250 -5.03 -9.93 -3.47
C VAL A 250 -3.89 -9.61 -4.42
N VAL A 251 -2.94 -8.76 -4.03
CA VAL A 251 -1.81 -8.38 -4.86
CA VAL A 251 -1.84 -8.41 -4.91
C VAL A 251 -0.85 -9.58 -5.08
N ILE A 252 -0.90 -10.57 -4.23
CA ILE A 252 -0.13 -11.79 -4.45
C ILE A 252 -0.86 -12.67 -5.46
N GLU A 253 -2.18 -12.81 -5.32
CA GLU A 253 -2.95 -13.71 -6.20
C GLU A 253 -3.16 -13.14 -7.59
N LYS A 254 -3.24 -11.82 -7.71
CA LYS A 254 -3.36 -11.11 -8.99
C LYS A 254 -4.52 -11.64 -9.83
N PRO A 255 -5.74 -11.57 -9.31
CA PRO A 255 -6.85 -11.99 -10.15
C PRO A 255 -7.09 -11.08 -11.29
N LYS A 256 -7.46 -11.64 -12.44
CA LYS A 256 -7.62 -10.82 -13.63
C LYS A 256 -8.62 -9.68 -13.49
N GLU A 257 -9.70 -9.91 -12.74
CA GLU A 257 -10.71 -8.90 -12.58
C GLU A 257 -10.14 -7.62 -11.94
N MET A 258 -9.12 -7.78 -11.08
CA MET A 258 -8.57 -6.58 -10.46
C MET A 258 -8.01 -5.64 -11.51
N TYR A 259 -7.43 -6.23 -12.56
CA TYR A 259 -6.79 -5.38 -13.58
C TYR A 259 -7.78 -4.78 -14.54
N ASP A 260 -8.84 -5.51 -14.83
CA ASP A 260 -9.93 -4.98 -15.61
C ASP A 260 -10.45 -3.75 -14.88
N ILE A 261 -10.65 -3.85 -13.56
CA ILE A 261 -11.15 -2.72 -12.79
C ILE A 261 -10.14 -1.56 -12.75
N LEU A 262 -8.90 -1.91 -12.44
CA LEU A 262 -7.84 -0.89 -12.39
C LEU A 262 -7.72 -0.11 -13.69
N MET A 263 -7.69 -0.84 -14.83
CA MET A 263 -7.49 -0.10 -16.08
C MET A 263 -8.70 0.77 -16.43
N GLY A 264 -9.88 0.33 -16.05
CA GLY A 264 -11.05 1.13 -16.12
C GLY A 264 -10.97 2.43 -15.37
N PHE A 265 -10.52 2.33 -14.12
CA PHE A 265 -10.34 3.54 -13.34
C PHE A 265 -9.30 4.47 -13.97
N LEU A 266 -8.18 3.93 -14.43
CA LEU A 266 -7.14 4.74 -15.00
C LEU A 266 -7.63 5.41 -16.29
N ALA A 267 -8.54 4.76 -17.01
CA ALA A 267 -9.11 5.41 -18.18
C ALA A 267 -9.93 6.59 -17.82
N ILE A 268 -10.67 6.54 -16.73
CA ILE A 268 -11.42 7.69 -16.24
C ILE A 268 -10.49 8.79 -15.85
N VAL A 269 -9.42 8.46 -15.10
CA VAL A 269 -8.50 9.48 -14.67
C VAL A 269 -7.83 10.14 -15.87
N THR A 270 -7.40 9.33 -16.85
CA THR A 270 -6.59 9.91 -17.92
C THR A 270 -7.43 10.68 -18.92
N LYS A 271 -8.72 10.36 -19.03
CA LYS A 271 -9.70 11.17 -19.78
C LYS A 271 -9.69 12.61 -19.31
N ASP A 272 -9.74 12.82 -17.99
CA ASP A 272 -9.77 14.18 -17.42
C ASP A 272 -8.43 14.91 -17.35
N VAL A 273 -7.31 14.23 -17.53
CA VAL A 273 -6.01 14.91 -17.46
C VAL A 273 -5.76 15.76 -18.72
C ACT B . -0.95 -3.29 6.05
O ACT B . -0.86 -4.49 6.44
OXT ACT B . -0.27 -2.93 5.14
CH3 ACT B . -1.88 -2.26 6.75
#